data_6BKA
#
_entry.id   6BKA
#
_cell.length_a   44.820
_cell.length_b   68.430
_cell.length_c   58.366
_cell.angle_alpha   90.00
_cell.angle_beta   106.32
_cell.angle_gamma   90.00
#
_symmetry.space_group_name_H-M   'P 1 21 1'
#
loop_
_entity.id
_entity.type
_entity.pdbx_description
1 polymer 'Nitronate monooxygenase'
2 non-polymer 'FLAVIN MONONUCLEOTIDE'
3 non-polymer 3,6,9,12,15,18,21,24,27,30,33,36-dodecaoxaoctatriacontane-1,38-diol
4 non-polymer GLYCEROL
5 water water
#
_entity_poly.entity_id   1
_entity_poly.type   'polypeptide(L)'
_entity_poly.pdbx_seq_one_letter_code
;MRSQIQSFLKTFEVRYPIIQAPMAGASTLELAATVTRLGGIGSIPMGSLSEK(CSD)DAIETQLENFDELVGDSGRIVNL
NFFAHKEPRSGRADVNEEWLKKYDKIYGKAGIEFDKKELKLLYPSFRSIVDPQHPTVRLLKNLKPKIVSFHFGLPHEAVI
ESLQASDIKIFVTVTNLQEFQQAYESKLDGVVLQGWEAGGHRGNFKANDVEDGQLKTLDLVSTIVDYIDSASISNPPFII
AAGGIHDDESIKELLQFNIAAVQLGTVWLPSSQATISPEHLKMFQSPKSDTMMTAAISGRNLRTISTPFLRDLHQSSPLA
SIPDYPLPYDSFKSLANDAKQSGKGPQYSAFLAGSNYHKSWKDTRSTEEIFSILVQDL
;
_entity_poly.pdbx_strand_id   A
#
# COMPACT_ATOMS: atom_id res chain seq x y z
N MET A 1 19.97 -0.73 18.55
CA MET A 1 20.58 -1.59 17.49
C MET A 1 21.42 -0.66 16.64
N ARG A 2 22.33 -1.25 15.93
CA ARG A 2 23.16 -0.55 14.97
C ARG A 2 22.31 -0.15 13.77
N SER A 3 22.66 0.94 13.12
CA SER A 3 21.94 1.45 11.92
C SER A 3 21.97 0.38 10.85
N GLN A 4 20.85 0.15 10.21
CA GLN A 4 20.73 -0.82 9.13
C GLN A 4 20.89 -0.18 7.76
N ILE A 5 21.16 1.14 7.71
CA ILE A 5 21.14 1.88 6.42
C ILE A 5 22.17 1.32 5.48
N GLN A 6 23.44 1.20 5.91
CA GLN A 6 24.42 0.75 4.96
C GLN A 6 24.21 -0.62 4.45
N SER A 7 23.80 -1.55 5.34
N SER A 7 23.80 -1.53 5.35
CA SER A 7 23.47 -2.91 4.96
CA SER A 7 23.46 -2.91 5.00
C SER A 7 22.36 -2.88 3.89
C SER A 7 22.30 -2.99 4.02
N PHE A 8 21.38 -2.00 4.10
CA PHE A 8 20.21 -1.95 3.15
C PHE A 8 20.73 -1.46 1.78
N LEU A 9 21.57 -0.40 1.77
CA LEU A 9 22.05 0.17 0.52
C LEU A 9 22.88 -0.89 -0.23
N LYS A 10 23.70 -1.64 0.50
CA LYS A 10 24.54 -2.64 -0.15
CA LYS A 10 24.54 -2.67 -0.14
C LYS A 10 23.76 -3.85 -0.65
N THR A 11 22.81 -4.30 0.13
CA THR A 11 21.99 -5.43 -0.22
C THR A 11 21.16 -5.16 -1.44
N PHE A 12 20.57 -3.95 -1.54
CA PHE A 12 19.67 -3.65 -2.65
C PHE A 12 20.35 -2.90 -3.79
N GLU A 13 21.62 -2.57 -3.63
CA GLU A 13 22.40 -1.86 -4.66
C GLU A 13 21.90 -0.45 -5.00
N VAL A 14 21.53 0.25 -3.94
CA VAL A 14 20.95 1.56 -4.04
C VAL A 14 21.78 2.63 -3.31
N ARG A 15 21.45 3.87 -3.55
CA ARG A 15 22.23 5.03 -3.01
C ARG A 15 21.52 5.62 -1.83
N TYR A 16 20.17 5.59 -1.82
CA TYR A 16 19.36 6.30 -0.81
C TYR A 16 18.34 5.33 -0.18
N PRO A 17 18.11 5.43 1.13
CA PRO A 17 17.28 4.46 1.85
C PRO A 17 15.81 4.88 1.76
N ILE A 18 15.34 4.87 0.51
CA ILE A 18 14.00 5.39 0.20
C ILE A 18 13.30 4.36 -0.70
N ILE A 19 12.09 3.94 -0.31
CA ILE A 19 11.22 3.06 -1.13
C ILE A 19 9.95 3.89 -1.46
N GLN A 20 9.64 4.01 -2.76
CA GLN A 20 8.35 4.57 -3.19
C GLN A 20 7.31 3.47 -3.00
N ALA A 21 6.31 3.75 -2.18
CA ALA A 21 5.31 2.75 -1.82
C ALA A 21 4.56 2.27 -3.07
N PRO A 22 4.34 0.97 -3.20
CA PRO A 22 3.37 0.49 -4.24
C PRO A 22 2.01 1.06 -3.92
N MET A 23 1.30 1.59 -4.93
CA MET A 23 0.03 2.19 -4.73
C MET A 23 -0.94 1.81 -5.82
N ALA A 24 -1.75 0.78 -5.56
CA ALA A 24 -2.68 0.31 -6.57
C ALA A 24 -3.56 1.44 -7.01
N GLY A 25 -3.60 1.68 -8.32
CA GLY A 25 -4.45 2.73 -8.94
C GLY A 25 -3.90 4.15 -8.96
N ALA A 26 -2.70 4.35 -8.38
CA ALA A 26 -2.10 5.68 -8.21
C ALA A 26 -0.63 5.71 -8.65
N SER A 27 0.17 4.71 -8.29
CA SER A 27 1.58 4.66 -8.80
C SER A 27 1.60 4.02 -10.13
N THR A 28 2.65 4.28 -10.92
CA THR A 28 2.78 3.78 -12.27
C THR A 28 4.14 3.13 -12.48
N LEU A 29 4.31 2.44 -13.59
CA LEU A 29 5.62 1.92 -13.93
C LEU A 29 6.66 3.04 -14.08
N GLU A 30 6.25 4.17 -14.66
CA GLU A 30 7.12 5.27 -14.88
C GLU A 30 7.63 5.83 -13.56
N LEU A 31 6.71 6.02 -12.59
CA LEU A 31 7.16 6.47 -11.28
C LEU A 31 8.15 5.54 -10.64
N ALA A 32 7.85 4.25 -10.66
CA ALA A 32 8.75 3.27 -10.09
C ALA A 32 10.12 3.26 -10.76
N ALA A 33 10.14 3.23 -12.10
CA ALA A 33 11.43 3.22 -12.86
C ALA A 33 12.22 4.49 -12.53
N THR A 34 11.52 5.66 -12.47
CA THR A 34 12.22 6.90 -12.17
C THR A 34 12.85 6.87 -10.77
N VAL A 35 12.14 6.39 -9.77
CA VAL A 35 12.69 6.35 -8.41
C VAL A 35 13.89 5.38 -8.33
N THR A 36 13.85 4.20 -8.98
CA THR A 36 15.00 3.33 -9.10
C THR A 36 16.18 4.06 -9.84
N ARG A 37 15.91 4.75 -10.95
CA ARG A 37 16.95 5.54 -11.64
C ARG A 37 17.61 6.59 -10.76
N LEU A 38 16.83 7.21 -9.91
CA LEU A 38 17.30 8.26 -8.95
C LEU A 38 18.09 7.71 -7.82
N GLY A 39 18.06 6.38 -7.59
CA GLY A 39 18.87 5.73 -6.57
C GLY A 39 18.12 5.24 -5.35
N GLY A 40 16.80 5.25 -5.36
CA GLY A 40 16.00 4.53 -4.37
C GLY A 40 15.43 3.28 -4.94
N ILE A 41 14.36 2.79 -4.32
CA ILE A 41 13.72 1.60 -4.82
C ILE A 41 12.29 1.82 -5.21
N GLY A 42 12.01 1.65 -6.53
CA GLY A 42 10.62 1.79 -7.02
C GLY A 42 9.86 0.52 -6.65
N SER A 43 8.50 0.65 -6.62
CA SER A 43 7.65 -0.47 -6.30
C SER A 43 6.49 -0.53 -7.26
N ILE A 44 6.05 -1.77 -7.51
CA ILE A 44 4.94 -2.01 -8.48
C ILE A 44 3.82 -2.71 -7.73
N PRO A 45 2.62 -2.12 -7.68
CA PRO A 45 1.50 -2.73 -7.00
C PRO A 45 0.92 -3.84 -7.88
N MET A 46 1.08 -5.10 -7.47
CA MET A 46 0.62 -6.29 -8.21
C MET A 46 -0.43 -7.08 -7.40
N GLY A 47 -1.12 -6.37 -6.52
CA GLY A 47 -2.02 -7.06 -5.59
C GLY A 47 -3.15 -7.79 -6.29
N SER A 48 -3.51 -7.28 -7.45
CA SER A 48 -4.59 -7.89 -8.26
C SER A 48 -4.11 -9.00 -9.17
N LEU A 49 -2.80 -9.28 -9.21
CA LEU A 49 -2.21 -10.09 -10.25
C LEU A 49 -1.73 -11.53 -9.82
N SER A 50 -2.16 -12.02 -8.65
CA SER A 50 -1.60 -13.28 -8.11
C SER A 50 -1.84 -14.48 -9.04
N GLU A 51 -2.97 -14.47 -9.76
CA GLU A 51 -3.24 -15.55 -10.76
C GLU A 51 -3.09 -15.08 -12.23
N LYS A 52 -2.45 -13.93 -12.46
CA LYS A 52 -2.20 -13.39 -13.80
C LYS A 52 -0.70 -13.30 -14.03
N ASP A 54 1.25 -13.71 -16.53
CA ASP A 54 1.70 -12.96 -17.65
C ASP A 54 1.78 -11.52 -17.40
N ALA A 55 0.84 -10.96 -16.64
CA ALA A 55 0.82 -9.53 -16.35
C ALA A 55 2.01 -9.15 -15.46
N ILE A 56 2.31 -10.03 -14.48
CA ILE A 56 3.49 -9.85 -13.60
C ILE A 56 4.71 -9.69 -14.48
N GLU A 57 4.91 -10.62 -15.40
CA GLU A 57 6.10 -10.59 -16.23
CA GLU A 57 6.09 -10.64 -16.29
C GLU A 57 6.14 -9.40 -17.20
N THR A 58 5.02 -9.15 -17.86
N THR A 58 5.05 -9.08 -17.88
CA THR A 58 4.96 -8.01 -18.79
CA THR A 58 5.11 -7.95 -18.82
C THR A 58 5.28 -6.69 -18.08
C THR A 58 5.19 -6.58 -18.16
N GLN A 59 4.63 -6.43 -16.96
CA GLN A 59 4.86 -5.21 -16.19
C GLN A 59 6.33 -5.10 -15.78
N LEU A 60 6.92 -6.19 -15.30
CA LEU A 60 8.34 -6.12 -14.93
C LEU A 60 9.23 -5.84 -16.17
N GLU A 61 8.93 -6.44 -17.31
CA GLU A 61 9.69 -6.19 -18.48
C GLU A 61 9.57 -4.75 -19.00
N ASN A 62 8.37 -4.19 -18.90
CA ASN A 62 8.15 -2.75 -19.22
C ASN A 62 8.90 -1.86 -18.24
N PHE A 63 8.96 -2.23 -16.96
CA PHE A 63 9.79 -1.50 -15.98
C PHE A 63 11.27 -1.58 -16.38
N ASP A 64 11.75 -2.74 -16.79
CA ASP A 64 13.16 -2.92 -17.17
C ASP A 64 13.48 -2.02 -18.37
N GLU A 65 12.54 -1.89 -19.31
N GLU A 65 12.58 -1.91 -19.34
CA GLU A 65 12.77 -1.03 -20.46
CA GLU A 65 12.79 -0.99 -20.47
C GLU A 65 12.83 0.43 -20.09
C GLU A 65 12.97 0.42 -19.96
N LEU A 66 12.04 0.83 -19.08
CA LEU A 66 12.06 2.22 -18.56
C LEU A 66 13.33 2.57 -17.77
N VAL A 67 13.81 1.58 -16.99
CA VAL A 67 15.03 1.74 -16.23
C VAL A 67 16.21 1.76 -17.17
N GLY A 68 16.21 0.87 -18.18
CA GLY A 68 17.30 0.75 -19.12
C GLY A 68 18.18 -0.49 -18.94
N ASP A 69 17.90 -1.32 -17.94
CA ASP A 69 18.65 -2.57 -17.73
C ASP A 69 17.76 -3.50 -16.91
N SER A 70 18.16 -4.77 -16.78
CA SER A 70 17.39 -5.75 -16.11
C SER A 70 17.88 -6.04 -14.71
N GLY A 71 18.50 -5.04 -14.06
CA GLY A 71 18.94 -5.16 -12.68
C GLY A 71 17.85 -5.50 -11.66
N ARG A 72 16.63 -5.11 -11.98
CA ARG A 72 15.44 -5.41 -11.18
C ARG A 72 15.56 -5.02 -9.72
N ILE A 73 15.94 -3.75 -9.58
CA ILE A 73 16.00 -3.07 -8.32
C ILE A 73 14.61 -2.52 -8.07
N VAL A 74 13.75 -3.40 -7.60
CA VAL A 74 12.31 -3.15 -7.53
C VAL A 74 11.67 -3.99 -6.45
N ASN A 75 10.52 -3.49 -5.99
CA ASN A 75 9.68 -4.15 -5.00
C ASN A 75 8.37 -4.57 -5.72
N LEU A 76 8.13 -5.89 -5.91
CA LEU A 76 6.84 -6.37 -6.46
C LEU A 76 5.92 -6.74 -5.27
N ASN A 77 4.79 -6.04 -5.20
CA ASN A 77 3.89 -6.09 -4.06
C ASN A 77 2.59 -6.80 -4.30
N PHE A 78 2.20 -7.68 -3.36
CA PHE A 78 0.99 -8.56 -3.50
C PHE A 78 0.17 -8.50 -2.25
N PHE A 79 -1.09 -8.80 -2.40
CA PHE A 79 -2.06 -8.82 -1.30
C PHE A 79 -2.21 -10.26 -0.79
N ALA A 80 -2.10 -10.46 0.55
CA ALA A 80 -2.25 -11.76 1.16
C ALA A 80 -3.25 -11.77 2.28
N HIS A 81 -4.38 -11.06 2.02
CA HIS A 81 -5.53 -11.05 2.92
C HIS A 81 -6.22 -12.42 2.99
N LYS A 82 -7.02 -12.61 4.04
N LYS A 82 -7.02 -12.63 4.03
CA LYS A 82 -7.97 -13.74 3.99
CA LYS A 82 -7.95 -13.77 3.99
C LYS A 82 -9.01 -13.53 2.86
C LYS A 82 -9.02 -13.55 2.91
N GLU A 83 -9.36 -14.58 2.13
CA GLU A 83 -10.39 -14.48 1.10
C GLU A 83 -11.79 -14.18 1.76
N PRO A 84 -12.68 -13.55 1.02
CA PRO A 84 -14.01 -13.34 1.59
C PRO A 84 -14.68 -14.64 1.95
N ARG A 85 -15.31 -14.69 3.14
CA ARG A 85 -15.89 -15.95 3.66
C ARG A 85 -17.13 -16.39 2.96
N SER A 86 -17.28 -17.71 2.85
CA SER A 86 -18.58 -18.30 2.47
C SER A 86 -19.56 -18.11 3.58
N GLY A 87 -20.81 -18.36 3.24
CA GLY A 87 -21.85 -18.31 4.27
C GLY A 87 -22.37 -16.90 4.48
N ARG A 88 -22.02 -15.93 3.59
CA ARG A 88 -22.33 -14.49 3.92
C ARG A 88 -23.39 -13.94 2.98
N ALA A 89 -24.22 -14.81 2.41
CA ALA A 89 -25.21 -14.40 1.48
C ALA A 89 -26.10 -13.31 2.10
N ASP A 90 -26.39 -13.34 3.41
CA ASP A 90 -27.34 -12.33 3.98
C ASP A 90 -26.73 -10.89 3.94
N VAL A 91 -25.54 -10.77 4.50
CA VAL A 91 -24.81 -9.55 4.51
C VAL A 91 -24.58 -9.00 3.10
N ASN A 92 -24.20 -9.84 2.17
CA ASN A 92 -23.90 -9.43 0.87
C ASN A 92 -25.13 -8.89 0.13
N GLU A 93 -26.26 -9.56 0.32
CA GLU A 93 -27.44 -9.16 -0.32
C GLU A 93 -27.96 -7.84 0.23
N GLU A 94 -27.85 -7.67 1.53
CA GLU A 94 -28.24 -6.41 2.17
C GLU A 94 -27.35 -5.26 1.65
N TRP A 95 -26.07 -5.53 1.40
CA TRP A 95 -25.18 -4.49 0.88
C TRP A 95 -25.57 -4.05 -0.56
N LEU A 96 -26.02 -5.01 -1.41
CA LEU A 96 -26.52 -4.68 -2.71
C LEU A 96 -27.76 -3.78 -2.61
N LYS A 97 -28.64 -4.11 -1.66
CA LYS A 97 -29.88 -3.29 -1.46
C LYS A 97 -29.44 -1.88 -1.06
N LYS A 98 -28.41 -1.77 -0.18
CA LYS A 98 -27.87 -0.49 0.21
C LYS A 98 -27.40 0.36 -0.96
N TYR A 99 -26.61 -0.29 -1.82
CA TYR A 99 -26.19 0.39 -2.97
C TYR A 99 -27.28 0.73 -4.01
N ASP A 100 -28.29 -0.12 -4.10
CA ASP A 100 -29.47 0.15 -4.94
C ASP A 100 -29.99 1.56 -4.54
N LYS A 101 -30.15 1.75 -3.25
CA LYS A 101 -30.63 3.05 -2.70
C LYS A 101 -29.67 4.19 -2.96
N ILE A 102 -28.35 3.95 -2.79
CA ILE A 102 -27.33 4.98 -3.11
C ILE A 102 -27.45 5.45 -4.57
N TYR A 103 -27.55 4.49 -5.52
CA TYR A 103 -27.73 4.81 -6.92
C TYR A 103 -29.03 5.64 -7.12
N GLY A 104 -30.07 5.22 -6.44
CA GLY A 104 -31.40 5.88 -6.51
C GLY A 104 -31.24 7.34 -6.09
N LYS A 105 -30.50 7.58 -4.99
CA LYS A 105 -30.34 8.98 -4.46
C LYS A 105 -29.44 9.83 -5.30
N ALA A 106 -28.54 9.19 -6.05
CA ALA A 106 -27.68 9.84 -7.03
C ALA A 106 -28.41 10.08 -8.32
N GLY A 107 -29.53 9.39 -8.53
CA GLY A 107 -30.22 9.43 -9.81
C GLY A 107 -29.51 8.67 -10.90
N ILE A 108 -28.83 7.55 -10.56
CA ILE A 108 -28.10 6.73 -11.52
C ILE A 108 -28.81 5.44 -11.63
N GLU A 109 -29.06 4.98 -12.85
CA GLU A 109 -29.64 3.60 -12.99
C GLU A 109 -28.80 2.46 -12.40
N PHE A 110 -29.44 1.57 -11.66
CA PHE A 110 -28.81 0.45 -10.98
C PHE A 110 -29.14 -0.90 -11.61
N ASP A 111 -28.08 -1.62 -12.02
N ASP A 111 -28.13 -1.66 -12.00
CA ASP A 111 -28.12 -2.91 -12.72
CA ASP A 111 -28.35 -2.98 -12.57
C ASP A 111 -27.57 -4.08 -11.93
C ASP A 111 -27.33 -3.96 -12.07
N LYS A 112 -26.85 -3.80 -10.83
CA LYS A 112 -25.93 -4.77 -10.27
C LYS A 112 -26.67 -5.86 -9.58
N LYS A 113 -26.33 -7.11 -9.86
CA LYS A 113 -26.97 -8.28 -9.28
C LYS A 113 -26.18 -9.07 -8.33
N GLU A 114 -24.86 -8.81 -8.29
CA GLU A 114 -23.99 -9.52 -7.37
C GLU A 114 -22.72 -8.73 -7.19
N LEU A 115 -22.13 -8.94 -6.05
CA LEU A 115 -20.82 -8.36 -5.75
C LEU A 115 -19.77 -9.28 -6.32
N LYS A 116 -19.05 -8.83 -7.32
CA LYS A 116 -18.11 -9.73 -7.88
C LYS A 116 -16.76 -9.59 -7.16
N LEU A 117 -15.93 -10.60 -7.34
CA LEU A 117 -14.63 -10.61 -6.68
C LEU A 117 -13.61 -9.98 -7.63
N LEU A 118 -13.08 -8.83 -7.25
CA LEU A 118 -12.12 -8.15 -8.16
C LEU A 118 -10.79 -8.90 -8.38
N TYR A 119 -10.35 -9.59 -7.34
CA TYR A 119 -9.12 -10.34 -7.43
C TYR A 119 -9.06 -11.33 -6.28
N PRO A 120 -8.33 -12.44 -6.46
CA PRO A 120 -8.04 -13.37 -5.39
C PRO A 120 -6.90 -12.91 -4.49
N SER A 121 -6.62 -13.65 -3.45
CA SER A 121 -5.52 -13.37 -2.52
C SER A 121 -4.31 -14.25 -2.82
N PHE A 122 -3.09 -13.71 -2.55
CA PHE A 122 -1.87 -14.56 -2.63
C PHE A 122 -1.93 -15.61 -1.55
N ARG A 123 -2.75 -15.47 -0.51
CA ARG A 123 -2.85 -16.50 0.52
C ARG A 123 -3.41 -17.80 -0.04
N SER A 124 -4.15 -17.71 -1.15
CA SER A 124 -4.69 -18.87 -1.84
C SER A 124 -3.66 -19.61 -2.70
N ILE A 125 -2.43 -19.12 -2.76
CA ILE A 125 -1.33 -19.84 -3.42
C ILE A 125 -0.70 -20.66 -2.33
N VAL A 126 -1.11 -21.94 -2.27
CA VAL A 126 -0.62 -22.83 -1.21
C VAL A 126 0.59 -23.68 -1.61
N ASP A 127 0.80 -23.80 -2.90
CA ASP A 127 1.73 -24.73 -3.49
C ASP A 127 2.97 -23.95 -4.00
N PRO A 128 4.16 -24.25 -3.53
CA PRO A 128 5.38 -23.63 -4.08
C PRO A 128 5.63 -23.85 -5.59
N GLN A 129 5.03 -24.89 -6.16
CA GLN A 129 5.07 -25.16 -7.59
C GLN A 129 4.13 -24.38 -8.40
N HIS A 130 3.26 -23.55 -7.76
CA HIS A 130 2.35 -22.74 -8.50
C HIS A 130 3.13 -21.90 -9.51
N PRO A 131 2.59 -21.68 -10.69
CA PRO A 131 3.33 -20.92 -11.71
C PRO A 131 3.76 -19.52 -11.31
N THR A 132 2.96 -18.82 -10.54
CA THR A 132 3.34 -17.48 -10.07
C THR A 132 4.61 -17.57 -9.19
N VAL A 133 4.72 -18.55 -8.28
CA VAL A 133 5.88 -18.70 -7.44
C VAL A 133 7.10 -19.06 -8.32
N ARG A 134 6.90 -20.03 -9.23
CA ARG A 134 8.04 -20.36 -10.14
C ARG A 134 8.52 -19.16 -10.98
N LEU A 135 7.56 -18.33 -11.40
CA LEU A 135 7.88 -17.17 -12.18
C LEU A 135 8.69 -16.17 -11.34
N LEU A 136 8.19 -15.76 -10.15
CA LEU A 136 8.91 -14.79 -9.33
C LEU A 136 10.30 -15.32 -9.02
N LYS A 137 10.46 -16.62 -8.73
CA LYS A 137 11.81 -17.20 -8.50
C LYS A 137 12.72 -17.04 -9.73
N ASN A 138 12.15 -17.12 -10.93
CA ASN A 138 12.91 -16.93 -12.14
C ASN A 138 13.23 -15.47 -12.39
N LEU A 139 12.26 -14.58 -12.18
CA LEU A 139 12.42 -13.15 -12.49
C LEU A 139 13.44 -12.50 -11.52
N LYS A 140 13.52 -12.97 -10.29
CA LYS A 140 14.46 -12.43 -9.26
C LYS A 140 14.43 -10.91 -9.13
N PRO A 141 13.24 -10.36 -8.85
CA PRO A 141 13.23 -9.01 -8.32
C PRO A 141 14.01 -8.92 -7.00
N LYS A 142 14.55 -7.74 -6.67
CA LYS A 142 15.21 -7.60 -5.38
C LYS A 142 14.29 -7.96 -4.20
N ILE A 143 13.05 -7.48 -4.29
CA ILE A 143 12.09 -7.61 -3.20
C ILE A 143 10.72 -8.03 -3.72
N VAL A 144 10.08 -8.93 -2.97
CA VAL A 144 8.67 -9.19 -3.09
C VAL A 144 8.07 -8.84 -1.71
N SER A 145 7.06 -7.96 -1.70
CA SER A 145 6.39 -7.57 -0.46
C SER A 145 4.95 -8.08 -0.43
N PHE A 146 4.46 -8.36 0.79
CA PHE A 146 3.10 -8.74 1.06
C PHE A 146 2.38 -7.72 1.99
N HIS A 147 1.13 -7.50 1.73
CA HIS A 147 0.25 -6.60 2.53
C HIS A 147 -0.97 -7.42 2.96
N PHE A 148 -1.39 -7.26 4.20
CA PHE A 148 -2.57 -7.84 4.82
C PHE A 148 -2.28 -9.18 5.50
N GLY A 149 -1.07 -9.61 5.55
CA GLY A 149 -0.80 -10.93 6.12
C GLY A 149 0.24 -11.65 5.31
N LEU A 150 0.45 -12.91 5.67
CA LEU A 150 1.52 -13.69 5.04
C LEU A 150 0.94 -14.90 4.27
N PRO A 151 1.59 -15.27 3.17
CA PRO A 151 1.21 -16.48 2.52
C PRO A 151 1.84 -17.66 3.31
N HIS A 152 1.57 -18.89 2.90
CA HIS A 152 2.11 -20.05 3.66
C HIS A 152 3.62 -20.06 3.69
N GLU A 153 4.20 -20.58 4.77
CA GLU A 153 5.61 -20.49 4.93
C GLU A 153 6.37 -21.30 3.87
N ALA A 154 5.79 -22.37 3.37
CA ALA A 154 6.48 -23.09 2.25
C ALA A 154 6.72 -22.20 0.99
N VAL A 155 5.77 -21.31 0.77
CA VAL A 155 5.82 -20.37 -0.34
C VAL A 155 6.87 -19.30 -0.07
N ILE A 156 6.87 -18.73 1.13
CA ILE A 156 7.92 -17.80 1.54
C ILE A 156 9.33 -18.40 1.35
N GLU A 157 9.53 -19.59 1.89
CA GLU A 157 10.84 -20.26 1.84
C GLU A 157 11.28 -20.51 0.41
N SER A 158 10.30 -20.86 -0.44
CA SER A 158 10.67 -21.13 -1.82
C SER A 158 11.17 -19.86 -2.53
N LEU A 159 10.48 -18.72 -2.30
CA LEU A 159 10.90 -17.46 -2.88
C LEU A 159 12.30 -17.06 -2.36
N GLN A 160 12.51 -17.25 -1.07
CA GLN A 160 13.79 -16.93 -0.47
C GLN A 160 14.92 -17.79 -1.03
N ALA A 161 14.61 -19.03 -1.42
CA ALA A 161 15.68 -19.89 -1.98
C ALA A 161 16.23 -19.35 -3.27
N SER A 162 15.49 -18.48 -3.95
CA SER A 162 15.98 -17.75 -5.14
C SER A 162 16.63 -16.38 -4.87
N ASP A 163 16.98 -16.07 -3.62
N ASP A 163 16.95 -16.14 -3.59
CA ASP A 163 17.71 -14.83 -3.24
CA ASP A 163 17.61 -14.95 -3.07
C ASP A 163 16.81 -13.62 -3.08
C ASP A 163 16.82 -13.66 -3.35
N ILE A 164 15.51 -13.79 -3.31
CA ILE A 164 14.58 -12.66 -3.26
C ILE A 164 14.45 -12.31 -1.82
N LYS A 165 14.43 -11.04 -1.46
CA LYS A 165 14.15 -10.62 -0.07
CA LYS A 165 14.16 -10.64 -0.08
C LYS A 165 12.65 -10.40 0.08
N ILE A 166 12.08 -11.02 1.11
CA ILE A 166 10.64 -10.95 1.36
C ILE A 166 10.32 -9.99 2.51
N PHE A 167 9.41 -9.05 2.21
CA PHE A 167 8.94 -8.03 3.18
C PHE A 167 7.44 -8.23 3.45
N VAL A 168 6.98 -7.81 4.60
CA VAL A 168 5.56 -7.79 4.98
C VAL A 168 5.29 -6.54 5.81
N THR A 169 4.11 -5.91 5.57
CA THR A 169 3.65 -4.82 6.42
C THR A 169 3.28 -5.36 7.76
N VAL A 170 3.70 -4.65 8.81
CA VAL A 170 3.23 -4.96 10.16
C VAL A 170 2.74 -3.69 10.81
N THR A 171 1.82 -3.83 11.74
CA THR A 171 1.17 -2.70 12.38
C THR A 171 1.24 -2.72 13.90
N ASN A 172 1.83 -3.74 14.43
CA ASN A 172 2.00 -3.89 15.89
C ASN A 172 3.04 -4.91 16.21
N LEU A 173 3.39 -4.99 17.51
CA LEU A 173 4.48 -5.82 17.93
C LEU A 173 4.24 -7.29 17.70
N GLN A 174 2.99 -7.75 17.94
CA GLN A 174 2.67 -9.13 17.65
C GLN A 174 2.82 -9.52 16.21
N GLU A 175 2.45 -8.62 15.30
CA GLU A 175 2.68 -8.86 13.85
C GLU A 175 4.14 -8.90 13.49
N PHE A 176 4.92 -7.99 14.09
CA PHE A 176 6.34 -8.07 13.94
C PHE A 176 6.91 -9.47 14.38
N GLN A 177 6.47 -9.93 15.54
CA GLN A 177 6.96 -11.23 16.07
C GLN A 177 6.60 -12.40 15.11
N GLN A 178 5.39 -12.33 14.53
CA GLN A 178 4.94 -13.30 13.49
C GLN A 178 5.92 -13.29 12.32
N ALA A 179 6.27 -12.08 11.88
CA ALA A 179 7.22 -11.92 10.75
C ALA A 179 8.61 -12.46 11.09
N TYR A 180 9.06 -12.21 12.30
CA TYR A 180 10.31 -12.74 12.78
C TYR A 180 10.33 -14.25 12.83
N GLU A 181 9.26 -14.83 13.35
CA GLU A 181 9.19 -16.26 13.47
C GLU A 181 9.18 -16.93 12.10
N SER A 182 8.55 -16.30 11.09
CA SER A 182 8.50 -16.80 9.71
C SER A 182 9.73 -16.45 8.86
N LYS A 183 10.75 -15.87 9.50
CA LYS A 183 12.03 -15.53 8.90
C LYS A 183 11.90 -14.61 7.74
N LEU A 184 11.06 -13.59 7.89
CA LEU A 184 11.03 -12.54 6.81
C LEU A 184 12.30 -11.74 6.75
N ASP A 185 12.65 -11.24 5.57
CA ASP A 185 13.84 -10.42 5.41
C ASP A 185 13.63 -8.96 5.79
N GLY A 186 12.41 -8.49 5.70
CA GLY A 186 12.09 -7.10 5.97
C GLY A 186 10.67 -6.95 6.46
N VAL A 187 10.47 -5.95 7.30
CA VAL A 187 9.13 -5.55 7.80
C VAL A 187 8.90 -4.08 7.48
N VAL A 188 7.68 -3.77 7.04
CA VAL A 188 7.33 -2.31 6.77
C VAL A 188 6.41 -1.94 7.90
N LEU A 189 6.89 -1.13 8.83
CA LEU A 189 6.13 -0.73 10.03
C LEU A 189 5.20 0.39 9.60
N GLN A 190 3.90 0.08 9.48
CA GLN A 190 2.97 1.05 8.93
C GLN A 190 2.19 1.74 10.07
N GLY A 191 2.43 3.03 10.25
CA GLY A 191 1.68 3.86 11.22
C GLY A 191 0.26 4.12 10.85
N TRP A 192 -0.57 4.39 11.88
CA TRP A 192 -1.94 4.83 11.71
C TRP A 192 -2.12 5.99 10.67
N GLU A 193 -1.14 6.87 10.56
CA GLU A 193 -1.14 7.98 9.65
C GLU A 193 -1.12 7.57 8.17
N ALA A 194 -0.71 6.35 7.86
CA ALA A 194 -0.46 5.97 6.47
C ALA A 194 -1.68 6.12 5.61
N GLY A 195 -1.46 6.58 4.35
CA GLY A 195 -2.53 6.60 3.39
C GLY A 195 -2.87 5.16 2.90
N GLY A 196 -4.05 5.02 2.32
CA GLY A 196 -4.47 3.78 1.68
C GLY A 196 -4.78 2.67 2.74
N HIS A 197 -4.75 1.41 2.31
CA HIS A 197 -5.22 0.34 3.17
C HIS A 197 -4.24 0.06 4.29
N ARG A 198 -4.79 -0.17 5.47
CA ARG A 198 -4.01 -0.56 6.63
C ARG A 198 -3.68 -2.04 6.58
N GLY A 199 -2.41 -2.40 6.74
CA GLY A 199 -2.00 -3.79 6.57
C GLY A 199 -2.11 -4.68 7.79
N ASN A 200 -3.05 -4.41 8.68
CA ASN A 200 -3.20 -5.33 9.82
C ASN A 200 -3.66 -6.69 9.40
N PHE A 201 -3.21 -7.74 10.11
CA PHE A 201 -3.46 -9.11 9.65
C PHE A 201 -4.92 -9.52 9.94
N LYS A 202 -5.47 -9.04 11.02
CA LYS A 202 -6.90 -9.24 11.30
C LYS A 202 -7.71 -8.04 10.71
N ALA A 203 -8.56 -8.28 9.68
CA ALA A 203 -9.26 -7.17 9.03
C ALA A 203 -10.07 -6.39 10.04
N ASN A 204 -9.91 -5.07 10.11
CA ASN A 204 -10.78 -4.20 10.94
C ASN A 204 -10.79 -4.52 12.42
N ASP A 205 -9.72 -5.08 12.87
CA ASP A 205 -9.55 -5.52 14.30
C ASP A 205 -9.97 -4.36 15.22
N VAL A 206 -10.95 -4.68 16.08
CA VAL A 206 -11.56 -3.70 17.00
C VAL A 206 -10.58 -3.23 18.07
N GLU A 207 -9.64 -4.11 18.37
CA GLU A 207 -8.61 -3.88 19.38
C GLU A 207 -7.30 -3.32 18.83
N ASP A 208 -7.25 -3.02 17.54
CA ASP A 208 -6.06 -2.33 16.94
C ASP A 208 -5.64 -1.16 17.84
N GLY A 209 -4.36 -1.12 18.21
CA GLY A 209 -3.82 0.00 19.06
C GLY A 209 -3.62 1.31 18.35
N GLN A 210 -3.74 1.33 16.98
CA GLN A 210 -3.69 2.58 16.23
C GLN A 210 -2.36 3.28 16.47
N LEU A 211 -1.26 2.54 16.52
CA LEU A 211 0.04 3.21 16.84
C LEU A 211 0.47 4.14 15.68
N LYS A 212 0.94 5.34 16.03
CA LYS A 212 1.56 6.25 15.06
C LYS A 212 2.89 5.71 14.65
N THR A 213 3.33 6.04 13.48
CA THR A 213 4.56 5.43 12.89
C THR A 213 5.74 5.52 13.90
N LEU A 214 5.90 6.71 14.51
CA LEU A 214 7.02 6.90 15.50
CA LEU A 214 7.08 6.86 15.41
C LEU A 214 6.94 5.92 16.63
N ASP A 215 5.72 5.80 17.17
CA ASP A 215 5.43 4.88 18.31
C ASP A 215 5.67 3.44 17.95
N LEU A 216 5.27 3.02 16.72
CA LEU A 216 5.46 1.67 16.28
C LEU A 216 6.92 1.32 16.13
N VAL A 217 7.68 2.23 15.49
CA VAL A 217 9.10 2.05 15.37
C VAL A 217 9.74 1.99 16.73
N SER A 218 9.38 2.90 17.63
CA SER A 218 10.04 2.87 18.95
C SER A 218 9.74 1.53 19.70
N THR A 219 8.50 1.04 19.58
CA THR A 219 8.12 -0.19 20.23
C THR A 219 8.91 -1.38 19.75
N ILE A 220 8.99 -1.52 18.42
CA ILE A 220 9.71 -2.61 17.77
CA ILE A 220 9.72 -2.62 17.80
C ILE A 220 11.22 -2.59 18.06
N VAL A 221 11.83 -1.41 17.89
CA VAL A 221 13.24 -1.27 18.11
C VAL A 221 13.59 -1.55 19.63
N ASP A 222 12.76 -1.06 20.58
CA ASP A 222 12.95 -1.36 21.96
C ASP A 222 12.85 -2.90 22.26
N TYR A 223 11.95 -3.60 21.58
CA TYR A 223 11.86 -5.02 21.74
C TYR A 223 13.16 -5.68 21.26
N ILE A 224 13.67 -5.30 20.09
CA ILE A 224 14.89 -5.85 19.54
C ILE A 224 16.04 -5.63 20.54
N ASP A 225 16.19 -4.42 21.01
CA ASP A 225 17.27 -4.10 21.95
C ASP A 225 17.10 -4.84 23.29
N SER A 226 15.90 -4.82 23.83
CA SER A 226 15.66 -5.33 25.20
C SER A 226 15.78 -6.80 25.30
N ALA A 227 15.27 -7.46 24.31
CA ALA A 227 15.26 -8.91 24.27
C ALA A 227 16.51 -9.47 23.63
N SER A 228 17.41 -8.63 23.13
CA SER A 228 18.63 -9.04 22.58
C SER A 228 18.43 -9.92 21.33
N ILE A 229 17.50 -9.54 20.46
N ILE A 229 17.48 -9.53 20.47
CA ILE A 229 17.33 -10.25 19.21
CA ILE A 229 17.31 -10.13 19.16
C ILE A 229 18.43 -9.84 18.22
C ILE A 229 18.51 -9.79 18.26
N SER A 230 19.21 -10.84 17.80
CA SER A 230 20.55 -10.64 17.16
C SER A 230 20.57 -10.41 15.63
N ASN A 231 19.56 -10.94 14.95
CA ASN A 231 19.45 -10.96 13.49
C ASN A 231 18.03 -10.45 13.06
N PRO A 232 17.65 -9.26 13.53
CA PRO A 232 16.32 -8.72 13.12
C PRO A 232 16.19 -8.53 11.57
N PRO A 233 15.01 -8.60 11.02
CA PRO A 233 14.80 -8.16 9.60
C PRO A 233 15.17 -6.71 9.39
N PHE A 234 15.31 -6.26 8.14
CA PHE A 234 15.35 -4.83 7.88
C PHE A 234 14.06 -4.20 8.44
N ILE A 235 14.22 -3.07 9.10
CA ILE A 235 13.12 -2.27 9.59
C ILE A 235 12.91 -1.06 8.69
N ILE A 236 11.73 -1.01 8.09
CA ILE A 236 11.30 0.06 7.21
CA ILE A 236 11.31 0.06 7.19
C ILE A 236 10.15 0.76 7.87
N ALA A 237 10.14 2.09 7.87
CA ALA A 237 9.00 2.84 8.45
C ALA A 237 8.17 3.41 7.35
N ALA A 238 6.85 3.43 7.57
CA ALA A 238 5.94 4.01 6.56
C ALA A 238 4.76 4.68 7.29
N GLY A 239 4.35 5.89 6.87
CA GLY A 239 3.10 6.43 7.38
C GLY A 239 3.29 7.88 7.80
N GLY A 240 2.79 8.82 6.96
CA GLY A 240 2.90 10.24 7.25
C GLY A 240 4.24 10.93 7.05
N ILE A 241 5.16 10.28 6.32
CA ILE A 241 6.55 10.75 6.21
C ILE A 241 6.56 11.65 4.94
N HIS A 242 6.91 12.92 5.13
CA HIS A 242 6.60 13.94 4.08
C HIS A 242 7.77 14.87 3.74
N ASP A 243 8.88 14.80 4.46
CA ASP A 243 9.94 15.72 4.24
C ASP A 243 11.18 15.22 4.87
N ASP A 244 12.29 15.91 4.62
CA ASP A 244 13.60 15.45 5.15
C ASP A 244 13.68 15.37 6.68
N GLU A 245 12.96 16.24 7.39
CA GLU A 245 13.03 16.20 8.83
CA GLU A 245 12.88 16.26 8.85
C GLU A 245 12.22 15.00 9.41
N SER A 246 11.06 14.70 8.83
N SER A 246 11.06 14.64 8.84
CA SER A 246 10.30 13.49 9.17
CA SER A 246 10.34 13.45 9.31
C SER A 246 11.14 12.23 8.97
C SER A 246 11.06 12.16 8.93
N ILE A 247 11.83 12.17 7.85
CA ILE A 247 12.74 11.06 7.51
C ILE A 247 13.81 10.90 8.55
N LYS A 248 14.50 12.00 8.83
CA LYS A 248 15.66 11.94 9.78
C LYS A 248 15.26 11.52 11.12
N GLU A 249 14.09 11.99 11.61
CA GLU A 249 13.59 11.60 12.90
C GLU A 249 13.43 10.10 13.01
N LEU A 250 12.91 9.46 11.95
CA LEU A 250 12.77 8.02 12.02
C LEU A 250 14.11 7.28 11.83
N LEU A 251 14.98 7.78 10.98
CA LEU A 251 16.25 7.16 10.73
C LEU A 251 17.13 7.16 12.00
N GLN A 252 16.88 8.11 12.87
CA GLN A 252 17.62 8.16 14.17
C GLN A 252 17.31 7.00 15.10
N PHE A 253 16.32 6.18 14.75
CA PHE A 253 16.04 4.93 15.45
C PHE A 253 16.90 3.78 14.88
N ASN A 254 17.78 4.06 13.94
CA ASN A 254 18.73 3.11 13.40
C ASN A 254 18.07 2.04 12.50
N ILE A 255 16.86 2.40 12.03
CA ILE A 255 16.19 1.59 11.04
C ILE A 255 16.88 1.62 9.67
N ALA A 256 16.35 0.82 8.73
CA ALA A 256 16.99 0.60 7.43
C ALA A 256 16.65 1.69 6.43
N ALA A 257 15.38 2.03 6.39
CA ALA A 257 14.85 2.87 5.29
C ALA A 257 13.43 3.36 5.62
N VAL A 258 12.92 4.26 4.75
CA VAL A 258 11.62 4.79 4.84
C VAL A 258 10.86 4.39 3.54
N GLN A 259 9.56 4.17 3.67
CA GLN A 259 8.66 3.94 2.52
C GLN A 259 7.57 4.99 2.49
N LEU A 260 7.49 5.76 1.40
CA LEU A 260 6.67 6.94 1.30
C LEU A 260 5.69 6.73 0.14
N GLY A 261 4.43 7.01 0.36
CA GLY A 261 3.36 6.89 -0.68
C GLY A 261 2.80 8.26 -1.06
N THR A 262 2.12 8.90 -0.12
CA THR A 262 1.39 10.12 -0.34
C THR A 262 2.24 11.23 -1.00
N VAL A 263 3.46 11.39 -0.55
CA VAL A 263 4.34 12.47 -1.12
C VAL A 263 4.52 12.40 -2.67
N TRP A 264 4.36 11.20 -3.26
CA TRP A 264 4.49 11.01 -4.70
C TRP A 264 3.23 11.34 -5.45
N LEU A 265 2.09 11.45 -4.75
CA LEU A 265 0.84 11.53 -5.45
C LEU A 265 0.65 12.81 -6.28
N PRO A 266 1.32 13.91 -5.86
CA PRO A 266 1.33 15.06 -6.79
C PRO A 266 2.20 14.93 -8.05
N SER A 267 3.04 13.91 -8.22
CA SER A 267 3.88 13.84 -9.35
C SER A 267 3.06 13.64 -10.61
N SER A 268 3.49 14.28 -11.70
CA SER A 268 2.83 14.07 -12.94
CA SER A 268 2.88 14.07 -13.01
C SER A 268 2.99 12.61 -13.48
N GLN A 269 3.90 11.83 -12.83
CA GLN A 269 3.95 10.36 -13.12
C GLN A 269 2.95 9.53 -12.36
N ALA A 270 2.24 10.08 -11.37
CA ALA A 270 1.16 9.36 -10.67
C ALA A 270 -0.20 9.51 -11.38
N THR A 271 -1.20 8.72 -11.01
CA THR A 271 -2.49 8.83 -11.66
C THR A 271 -3.52 9.14 -10.56
N ILE A 272 -3.70 10.40 -10.21
CA ILE A 272 -4.83 10.85 -9.36
C ILE A 272 -5.67 11.87 -10.12
N SER A 273 -6.97 11.96 -9.74
CA SER A 273 -7.89 12.87 -10.44
C SER A 273 -7.51 14.33 -10.22
N PRO A 274 -7.95 15.25 -11.13
CA PRO A 274 -7.77 16.65 -10.85
C PRO A 274 -8.37 17.12 -9.52
N GLU A 275 -9.47 16.49 -9.10
CA GLU A 275 -10.07 16.89 -7.82
C GLU A 275 -9.17 16.42 -6.65
N HIS A 276 -8.62 15.24 -6.76
CA HIS A 276 -7.67 14.70 -5.73
C HIS A 276 -6.48 15.63 -5.63
N LEU A 277 -5.90 16.05 -6.78
CA LEU A 277 -4.77 16.96 -6.78
C LEU A 277 -5.10 18.30 -6.17
N LYS A 278 -6.29 18.81 -6.46
CA LYS A 278 -6.75 20.09 -5.92
C LYS A 278 -6.76 20.06 -4.39
N MET A 279 -7.10 18.92 -3.82
CA MET A 279 -7.09 18.75 -2.37
CA MET A 279 -7.10 18.80 -2.38
C MET A 279 -5.70 18.90 -1.75
N PHE A 280 -4.67 18.43 -2.42
CA PHE A 280 -3.28 18.66 -2.00
C PHE A 280 -2.88 20.10 -2.05
N GLN A 281 -3.27 20.77 -3.14
CA GLN A 281 -2.94 22.19 -3.33
C GLN A 281 -3.66 23.08 -2.37
N SER A 282 -4.88 22.77 -2.02
CA SER A 282 -5.71 23.56 -1.05
C SER A 282 -6.36 22.71 -0.05
N PRO A 283 -5.58 22.21 0.93
CA PRO A 283 -6.21 21.18 1.76
C PRO A 283 -7.28 21.83 2.63
N LYS A 284 -8.48 21.28 2.66
CA LYS A 284 -9.52 21.78 3.55
C LYS A 284 -9.95 20.73 4.55
N SER A 285 -9.91 19.46 4.22
CA SER A 285 -10.51 18.42 5.06
C SER A 285 -9.45 17.54 5.75
N ASP A 286 -9.88 16.91 6.83
CA ASP A 286 -9.06 15.93 7.50
C ASP A 286 -9.12 14.61 6.69
N THR A 287 -8.32 13.63 7.13
CA THR A 287 -8.49 12.25 6.63
C THR A 287 -9.28 11.44 7.60
N MET A 288 -9.74 10.29 7.16
CA MET A 288 -10.40 9.32 8.04
CA MET A 288 -10.55 9.35 7.92
C MET A 288 -10.16 7.90 7.58
N MET A 289 -10.24 7.02 8.54
CA MET A 289 -10.04 5.57 8.32
C MET A 289 -11.44 4.91 8.24
N THR A 290 -11.69 4.17 7.22
CA THR A 290 -12.98 3.53 7.03
C THR A 290 -12.87 2.21 6.33
N ALA A 291 -13.73 1.28 6.73
CA ALA A 291 -13.82 -0.04 6.06
C ALA A 291 -14.98 -0.14 5.05
N ALA A 292 -15.79 0.95 4.95
CA ALA A 292 -16.98 0.92 4.15
C ALA A 292 -16.77 1.08 2.62
N ILE A 293 -15.58 1.46 2.16
CA ILE A 293 -15.26 1.58 0.76
C ILE A 293 -14.94 0.22 0.15
N SER A 294 -14.04 -0.54 0.82
CA SER A 294 -13.51 -1.77 0.21
C SER A 294 -13.81 -2.98 1.03
N GLY A 295 -14.27 -2.82 2.27
CA GLY A 295 -14.38 -3.93 3.23
C GLY A 295 -13.28 -3.98 4.23
N ARG A 296 -12.16 -3.25 3.96
CA ARG A 296 -11.05 -3.21 4.90
C ARG A 296 -10.66 -1.79 5.18
N ASN A 297 -10.30 -1.49 6.44
CA ASN A 297 -9.87 -0.18 6.81
C ASN A 297 -8.83 0.43 5.86
N LEU A 298 -9.14 1.62 5.38
CA LEU A 298 -8.26 2.40 4.52
C LEU A 298 -8.39 3.87 4.90
N ARG A 299 -7.31 4.65 4.69
CA ARG A 299 -7.31 6.08 4.93
C ARG A 299 -7.45 6.89 3.65
N THR A 300 -8.44 7.77 3.70
CA THR A 300 -8.77 8.68 2.61
C THR A 300 -8.98 10.07 3.18
N ILE A 301 -8.77 11.08 2.32
CA ILE A 301 -9.27 12.41 2.61
C ILE A 301 -10.78 12.32 2.71
N SER A 302 -11.35 13.01 3.71
CA SER A 302 -12.78 12.98 4.03
C SER A 302 -13.57 13.87 2.98
N THR A 303 -14.73 13.38 2.58
CA THR A 303 -15.68 14.15 1.71
C THR A 303 -17.04 13.87 2.24
N PRO A 304 -18.04 14.63 1.78
CA PRO A 304 -19.40 14.34 2.24
C PRO A 304 -19.89 12.98 1.92
N PHE A 305 -19.61 12.43 0.72
CA PHE A 305 -20.09 11.10 0.39
C PHE A 305 -19.38 10.04 1.22
N LEU A 306 -18.08 10.21 1.38
CA LEU A 306 -17.34 9.16 2.17
C LEU A 306 -17.69 9.15 3.66
N ARG A 307 -18.06 10.33 4.19
CA ARG A 307 -18.52 10.34 5.60
C ARG A 307 -19.87 9.65 5.72
N ASP A 308 -20.75 9.88 4.74
CA ASP A 308 -22.07 9.24 4.67
C ASP A 308 -21.94 7.71 4.60
N LEU A 309 -21.08 7.24 3.69
CA LEU A 309 -20.86 5.86 3.51
C LEU A 309 -20.34 5.26 4.77
N HIS A 310 -19.37 5.93 5.37
CA HIS A 310 -18.79 5.44 6.62
C HIS A 310 -19.82 5.31 7.78
N GLN A 311 -20.54 6.36 8.06
N GLN A 311 -20.54 6.40 7.97
CA GLN A 311 -21.43 6.36 9.24
CA GLN A 311 -21.47 6.53 9.09
C GLN A 311 -22.67 5.47 9.06
C GLN A 311 -22.67 5.63 9.03
N SER A 312 -23.10 5.30 7.81
CA SER A 312 -24.24 4.47 7.48
C SER A 312 -23.95 2.94 7.54
N SER A 313 -22.70 2.54 7.83
CA SER A 313 -22.24 1.18 7.67
C SER A 313 -21.64 0.60 8.94
N PRO A 314 -22.48 0.05 9.84
CA PRO A 314 -21.97 -0.65 11.03
C PRO A 314 -21.02 -1.75 10.56
N LEU A 315 -19.92 -1.99 11.25
CA LEU A 315 -18.98 -3.02 10.81
C LEU A 315 -19.59 -4.38 10.45
N ALA A 316 -20.53 -4.82 11.29
CA ALA A 316 -21.22 -6.08 11.06
C ALA A 316 -22.02 -6.17 9.77
N SER A 317 -22.35 -5.01 9.16
CA SER A 317 -23.05 -4.95 7.89
C SER A 317 -22.15 -4.95 6.64
N ILE A 318 -20.84 -4.80 6.84
CA ILE A 318 -19.91 -4.62 5.66
C ILE A 318 -19.42 -5.98 5.14
N PRO A 319 -19.68 -6.33 3.85
CA PRO A 319 -19.12 -7.56 3.26
C PRO A 319 -17.57 -7.60 3.42
N ASP A 320 -17.03 -8.83 3.45
CA ASP A 320 -15.61 -9.02 3.53
C ASP A 320 -14.89 -8.39 2.31
N TYR A 321 -13.73 -7.80 2.57
CA TYR A 321 -12.82 -7.30 1.54
C TYR A 321 -12.44 -8.40 0.51
N PRO A 322 -12.40 -8.11 -0.81
CA PRO A 322 -12.61 -6.81 -1.40
C PRO A 322 -14.04 -6.63 -2.01
N LEU A 323 -15.03 -7.38 -1.52
CA LEU A 323 -16.38 -7.35 -2.12
C LEU A 323 -17.01 -5.94 -2.17
N PRO A 324 -16.92 -5.15 -1.09
CA PRO A 324 -17.48 -3.75 -1.25
C PRO A 324 -16.72 -2.89 -2.21
N TYR A 325 -15.46 -3.21 -2.51
CA TYR A 325 -14.77 -2.39 -3.51
C TYR A 325 -15.40 -2.51 -4.89
N ASP A 326 -15.98 -3.67 -5.20
CA ASP A 326 -16.72 -3.85 -6.44
C ASP A 326 -17.94 -2.95 -6.49
N SER A 327 -18.73 -2.92 -5.44
CA SER A 327 -19.84 -1.94 -5.47
C SER A 327 -19.30 -0.49 -5.60
N PHE A 328 -18.23 -0.13 -4.86
CA PHE A 328 -17.68 1.22 -4.88
C PHE A 328 -17.12 1.64 -6.23
N LYS A 329 -16.31 0.76 -6.80
CA LYS A 329 -15.75 1.00 -8.14
C LYS A 329 -16.83 1.11 -9.19
N SER A 330 -17.86 0.30 -9.14
CA SER A 330 -18.92 0.33 -10.12
C SER A 330 -19.71 1.68 -9.98
N LEU A 331 -19.99 2.06 -8.76
CA LEU A 331 -20.53 3.42 -8.56
C LEU A 331 -19.70 4.54 -9.15
N ALA A 332 -18.42 4.58 -8.79
CA ALA A 332 -17.57 5.64 -9.23
C ALA A 332 -17.51 5.71 -10.74
N ASN A 333 -17.46 4.53 -11.37
N ASN A 333 -17.49 4.54 -11.36
CA ASN A 333 -17.46 4.43 -12.84
CA ASN A 333 -17.45 4.41 -12.83
C ASN A 333 -18.78 4.92 -13.42
C ASN A 333 -18.80 4.76 -13.52
N ASP A 334 -19.90 4.33 -12.93
CA ASP A 334 -21.26 4.67 -13.38
C ASP A 334 -21.54 6.16 -13.21
N ALA A 335 -21.05 6.74 -12.11
CA ALA A 335 -21.14 8.19 -11.80
C ALA A 335 -20.36 8.99 -12.85
N LYS A 336 -19.11 8.57 -13.05
CA LYS A 336 -18.24 9.26 -13.98
C LYS A 336 -18.88 9.31 -15.35
N GLN A 337 -19.33 8.18 -15.81
CA GLN A 337 -19.94 7.99 -17.13
C GLN A 337 -21.17 8.75 -17.43
N SER A 338 -22.18 8.53 -16.60
CA SER A 338 -23.45 9.23 -16.70
C SER A 338 -23.29 10.69 -16.20
N GLY A 339 -22.05 11.18 -16.16
CA GLY A 339 -21.76 12.57 -16.04
C GLY A 339 -22.26 13.16 -14.78
N LYS A 340 -21.85 12.55 -13.66
N LYS A 340 -22.16 12.38 -13.69
CA LYS A 340 -21.87 13.15 -12.29
CA LYS A 340 -22.73 12.76 -12.41
C LYS A 340 -20.44 13.37 -11.79
C LYS A 340 -21.60 13.41 -11.67
N GLY A 341 -19.66 12.30 -11.84
N GLY A 341 -20.43 13.52 -12.30
CA GLY A 341 -18.25 12.27 -11.44
CA GLY A 341 -19.39 14.25 -11.58
C GLY A 341 -17.94 12.47 -9.97
C GLY A 341 -18.72 13.40 -10.52
N PRO A 342 -16.64 12.79 -9.64
N PRO A 342 -17.73 14.02 -9.76
CA PRO A 342 -15.88 12.72 -8.38
CA PRO A 342 -16.53 13.51 -9.00
C PRO A 342 -16.59 12.98 -7.07
C PRO A 342 -16.72 13.06 -7.49
N GLN A 343 -17.88 13.40 -7.01
CA GLN A 343 -18.42 13.41 -5.69
C GLN A 343 -18.46 12.03 -5.02
N TYR A 344 -18.48 10.97 -5.83
CA TYR A 344 -18.55 9.59 -5.35
C TYR A 344 -17.16 8.86 -5.28
N SER A 345 -16.08 9.55 -5.53
CA SER A 345 -14.79 8.89 -5.63
CA SER A 345 -14.77 8.89 -5.63
C SER A 345 -14.06 8.84 -4.29
N ALA A 346 -13.02 8.01 -4.25
CA ALA A 346 -12.16 7.94 -3.07
C ALA A 346 -10.94 8.85 -3.27
N PHE A 347 -10.35 9.27 -2.14
CA PHE A 347 -9.21 10.17 -2.14
C PHE A 347 -8.10 9.70 -1.21
N LEU A 348 -7.59 8.52 -1.53
CA LEU A 348 -6.59 7.88 -0.69
C LEU A 348 -5.40 8.82 -0.45
N ALA A 349 -4.99 8.91 0.82
CA ALA A 349 -3.84 9.82 1.24
C ALA A 349 -3.65 9.69 2.69
N GLY A 350 -2.43 9.94 3.16
CA GLY A 350 -2.18 9.80 4.60
C GLY A 350 -2.48 11.10 5.35
N SER A 351 -2.38 11.05 6.66
CA SER A 351 -2.82 12.17 7.44
C SER A 351 -1.87 13.38 7.38
N ASN A 352 -0.71 13.26 6.71
CA ASN A 352 0.12 14.44 6.43
C ASN A 352 0.06 14.87 4.95
N TYR A 353 -1.03 14.52 4.26
CA TYR A 353 -1.19 14.95 2.85
C TYR A 353 -1.22 16.46 2.76
N HIS A 354 -1.71 17.10 3.82
CA HIS A 354 -1.83 18.56 3.81
C HIS A 354 -0.50 19.28 3.95
N LYS A 355 0.60 18.56 4.19
CA LYS A 355 1.92 19.10 4.20
C LYS A 355 2.76 18.55 3.05
N SER A 356 2.14 17.83 2.10
CA SER A 356 2.87 17.07 1.12
C SER A 356 3.02 17.75 -0.24
N TRP A 357 2.23 18.80 -0.51
CA TRP A 357 2.37 19.55 -1.77
C TRP A 357 3.66 20.36 -1.64
N LYS A 358 4.61 20.21 -2.57
CA LYS A 358 5.88 20.90 -2.55
C LYS A 358 6.02 21.84 -3.80
N ASP A 359 4.89 22.15 -4.41
N ASP A 359 4.90 22.29 -4.34
CA ASP A 359 4.87 23.17 -5.48
CA ASP A 359 4.88 23.16 -5.57
C ASP A 359 5.59 22.70 -6.73
C ASP A 359 5.83 22.64 -6.61
N THR A 360 5.62 21.37 -6.92
CA THR A 360 6.26 20.76 -8.08
C THR A 360 5.48 19.50 -8.39
N ARG A 361 5.49 19.11 -9.65
CA ARG A 361 4.92 17.81 -10.08
CA ARG A 361 4.94 17.84 -10.08
C ARG A 361 6.03 16.87 -10.59
N SER A 362 7.28 17.21 -10.32
CA SER A 362 8.37 16.49 -10.86
C SER A 362 8.80 15.43 -9.84
N THR A 363 8.80 14.17 -10.26
CA THR A 363 9.36 13.07 -9.35
C THR A 363 10.79 13.36 -8.90
N GLU A 364 11.62 13.82 -9.85
CA GLU A 364 12.99 14.11 -9.53
C GLU A 364 13.12 15.22 -8.50
N GLU A 365 12.30 16.26 -8.57
CA GLU A 365 12.38 17.39 -7.63
C GLU A 365 11.91 16.92 -6.25
N ILE A 366 10.84 16.14 -6.23
CA ILE A 366 10.31 15.60 -4.97
C ILE A 366 11.34 14.73 -4.30
N PHE A 367 12.00 13.89 -5.12
CA PHE A 367 13.01 12.98 -4.63
C PHE A 367 14.22 13.78 -4.07
N SER A 368 14.66 14.79 -4.81
CA SER A 368 15.77 15.64 -4.34
CA SER A 368 15.78 15.58 -4.34
C SER A 368 15.44 16.32 -3.02
N ILE A 369 14.22 16.82 -2.89
CA ILE A 369 13.81 17.46 -1.65
C ILE A 369 13.87 16.50 -0.46
N LEU A 370 13.46 15.25 -0.67
CA LEU A 370 13.50 14.25 0.40
C LEU A 370 14.87 13.83 0.86
N VAL A 371 15.79 13.74 -0.05
CA VAL A 371 17.08 13.09 0.22
C VAL A 371 18.24 14.08 0.46
N GLN A 372 17.95 15.36 0.44
CA GLN A 372 18.98 16.41 0.64
C GLN A 372 20.10 16.12 1.62
N ASP A 373 19.72 15.60 2.80
CA ASP A 373 20.69 15.24 3.87
C ASP A 373 21.24 13.78 3.87
N LEU A 374 21.01 13.04 2.81
CA LEU A 374 21.45 11.65 2.75
C LEU A 374 22.51 11.52 1.64
#